data_1RPU
#
_entry.id   1RPU
#
_cell.length_a   115.400
_cell.length_b   115.400
_cell.length_c   128.200
_cell.angle_alpha   90.00
_cell.angle_beta   90.00
_cell.angle_gamma   120.00
#
_symmetry.space_group_name_H-M   'P 61 2 2'
#
loop_
_entity.id
_entity.type
_entity.pdbx_description
1 polymer "5'-R(P*CP*GP*UP*AP*CP*GP*CP*GP*UP*CP*AP*CP*GP*CP*GP*UP*AP*CP*GP*UP*U)-3'"
2 polymer '19 kDa protein'
3 water water
#
loop_
_entity_poly.entity_id
_entity_poly.type
_entity_poly.pdbx_seq_one_letter_code
_entity_poly.pdbx_strand_id
1 'polyribonucleotide' CGUACGCGUCACGCGUACGUU C,D
2 'polypeptide(L)'
;MERAIQGNDTREQANGERWDGGSGGITSPFKLPDESPSWTEWRLYNDETNSNQDNPLGFKESWGFGKVVFKRYLRYDRTE
ASLHRVLGSWTGDSVNYAASRFLGANQVGCTYSIRFRGVSVTISGGSRTLQHLCEMAIRSKQELLQLTPVEVESNVSRGC
PEGIETFKKESE
;
A,B
#
# COMPACT_ATOMS: atom_id res chain seq x y z
C ASN C 8 -16.08 -5.42 -20.33
N ASP C 9 -16.19 -5.02 -21.59
CA ASP C 9 -15.58 -5.77 -22.69
C ASP C 9 -14.07 -5.80 -22.55
N THR C 10 -13.45 -4.63 -22.58
CA THR C 10 -12.01 -4.53 -22.44
C THR C 10 -11.60 -5.09 -21.08
N ARG C 11 -12.50 -5.00 -20.11
CA ARG C 11 -12.25 -5.50 -18.77
C ARG C 11 -12.14 -7.01 -18.75
N GLU C 12 -13.01 -7.68 -19.50
CA GLU C 12 -12.98 -9.15 -19.55
C GLU C 12 -11.70 -9.62 -20.24
N GLN C 13 -11.28 -8.87 -21.27
CA GLN C 13 -10.06 -9.21 -21.99
C GLN C 13 -8.84 -9.12 -21.07
N ALA C 14 -8.64 -7.96 -20.43
CA ALA C 14 -7.53 -7.76 -19.50
C ALA C 14 -7.53 -8.86 -18.45
N ASN C 15 -8.70 -9.33 -18.09
CA ASN C 15 -8.77 -10.40 -17.09
C ASN C 15 -8.20 -11.68 -17.68
N GLY C 16 -8.63 -12.00 -18.91
CA GLY C 16 -8.18 -13.22 -19.56
C GLY C 16 -6.77 -13.13 -20.07
N GLU C 17 -6.28 -11.90 -20.21
CA GLU C 17 -4.93 -11.69 -20.70
C GLU C 17 -3.99 -12.48 -19.82
N ARG C 18 -4.33 -12.63 -18.55
CA ARG C 18 -3.48 -13.37 -17.62
C ARG C 18 -3.16 -14.79 -18.13
N TRP C 19 -4.02 -15.33 -18.99
CA TRP C 19 -3.79 -16.68 -19.46
C TRP C 19 -3.47 -16.83 -20.96
N ASP C 20 -2.94 -15.77 -21.57
CA ASP C 20 -2.59 -15.80 -23.00
C ASP C 20 -1.18 -16.32 -23.22
N GLY C 21 -0.47 -16.60 -22.14
CA GLY C 21 0.88 -17.09 -22.27
C GLY C 21 1.70 -16.28 -23.27
N GLY C 22 2.22 -16.96 -24.29
CA GLY C 22 3.01 -16.28 -25.31
C GLY C 22 2.22 -15.42 -26.28
N SER C 23 1.36 -16.05 -27.07
CA SER C 23 0.56 -15.30 -28.02
C SER C 23 -0.27 -14.25 -27.30
N GLY C 24 -1.08 -13.52 -28.04
CA GLY C 24 -1.91 -12.48 -27.45
C GLY C 24 -1.74 -11.19 -28.23
N GLY C 25 -2.70 -10.29 -28.10
CA GLY C 25 -2.63 -9.03 -28.81
C GLY C 25 -2.96 -7.81 -27.97
N ILE C 26 -3.70 -8.01 -26.87
CA ILE C 26 -4.07 -6.88 -26.01
C ILE C 26 -2.87 -6.32 -25.27
N THR C 27 -2.62 -5.04 -25.45
CA THR C 27 -1.51 -4.40 -24.80
C THR C 27 -1.63 -4.64 -23.32
N SER C 28 -0.50 -4.95 -22.70
CA SER C 28 -0.45 -5.26 -21.28
C SER C 28 0.69 -4.53 -20.57
N PRO C 29 0.54 -4.24 -19.26
CA PRO C 29 1.55 -3.54 -18.49
C PRO C 29 2.71 -4.50 -18.16
N PHE C 30 2.40 -5.79 -18.17
CA PHE C 30 3.38 -6.81 -17.83
C PHE C 30 4.24 -7.30 -18.99
N LYS C 31 5.48 -7.66 -18.68
CA LYS C 31 6.41 -8.11 -19.70
C LYS C 31 6.84 -9.56 -19.50
N LEU C 32 6.21 -10.26 -18.56
CA LEU C 32 6.53 -11.65 -18.32
C LEU C 32 5.24 -12.39 -18.10
N PRO C 33 5.11 -13.54 -18.75
CA PRO C 33 3.89 -14.34 -18.62
C PRO C 33 3.63 -14.77 -17.18
N ASP C 34 2.35 -15.02 -16.88
CA ASP C 34 1.88 -15.50 -15.58
C ASP C 34 2.55 -16.81 -15.27
N GLU C 35 2.63 -17.16 -13.99
CA GLU C 35 3.27 -18.41 -13.59
C GLU C 35 2.49 -19.12 -12.47
N SER C 36 1.17 -18.93 -12.49
CA SER C 36 0.29 -19.56 -11.48
C SER C 36 0.43 -21.08 -11.52
N PRO C 37 0.62 -21.70 -10.34
CA PRO C 37 0.77 -23.16 -10.24
C PRO C 37 -0.58 -23.78 -10.47
N SER C 38 -0.61 -25.03 -10.93
CA SER C 38 -1.88 -25.69 -11.14
C SER C 38 -2.28 -25.97 -9.71
N TRP C 39 -3.56 -26.23 -9.49
CA TRP C 39 -4.02 -26.54 -8.15
C TRP C 39 -3.18 -27.68 -7.56
N THR C 40 -2.86 -28.65 -8.39
CA THR C 40 -2.09 -29.81 -7.95
C THR C 40 -0.70 -29.43 -7.45
N GLU C 41 0.03 -28.64 -8.24
CA GLU C 41 1.36 -28.24 -7.82
C GLU C 41 1.26 -27.42 -6.55
N TRP C 42 0.10 -26.79 -6.34
CA TRP C 42 -0.05 -25.98 -5.15
C TRP C 42 -0.06 -26.82 -3.88
N ARG C 43 -1.15 -27.54 -3.65
CA ARG C 43 -1.30 -28.36 -2.47
C ARG C 43 -0.10 -29.27 -2.28
N LEU C 44 0.46 -29.74 -3.39
CA LEU C 44 1.61 -30.62 -3.31
C LEU C 44 2.81 -29.85 -2.74
N TYR C 45 2.91 -28.57 -3.07
CA TYR C 45 4.01 -27.75 -2.58
C TYR C 45 3.79 -27.45 -1.10
N ASN C 46 2.52 -27.39 -0.71
CA ASN C 46 2.16 -27.12 0.67
C ASN C 46 2.13 -28.40 1.51
N ASP C 47 3.26 -29.10 1.49
CA ASP C 47 3.48 -30.33 2.22
C ASP C 47 4.94 -30.26 2.61
N GLU C 48 5.67 -29.44 1.86
CA GLU C 48 7.10 -29.21 2.05
C GLU C 48 7.31 -28.02 2.99
N ASN C 55 8.14 -22.01 3.21
CA ASN C 55 8.41 -20.77 2.48
C ASN C 55 7.66 -20.74 1.16
N PRO C 56 6.99 -19.61 0.86
CA PRO C 56 6.17 -19.28 -0.30
C PRO C 56 6.73 -19.59 -1.69
N LEU C 57 5.84 -19.93 -2.61
CA LEU C 57 6.19 -20.26 -3.98
C LEU C 57 6.51 -18.97 -4.76
N GLY C 58 5.69 -17.95 -4.53
CA GLY C 58 5.89 -16.69 -5.22
C GLY C 58 4.97 -15.60 -4.68
N PHE C 59 4.73 -14.58 -5.48
CA PHE C 59 3.87 -13.49 -5.06
C PHE C 59 2.86 -13.20 -6.15
N LYS C 60 1.90 -12.34 -5.84
CA LYS C 60 0.88 -11.99 -6.82
C LYS C 60 0.86 -10.49 -6.90
N GLU C 61 0.64 -9.96 -8.09
CA GLU C 61 0.58 -8.50 -8.27
C GLU C 61 -0.44 -8.14 -9.33
N SER C 62 -0.88 -6.89 -9.35
CA SER C 62 -1.86 -6.47 -10.33
C SER C 62 -1.80 -4.99 -10.60
N TRP C 63 -2.12 -4.58 -11.82
CA TRP C 63 -2.13 -3.19 -12.23
C TRP C 63 -3.51 -2.98 -12.76
N GLY C 64 -4.14 -1.87 -12.38
CA GLY C 64 -5.48 -1.62 -12.85
C GLY C 64 -5.58 -0.19 -13.33
N PHE C 65 -6.05 -0.01 -14.54
CA PHE C 65 -6.24 1.33 -15.11
C PHE C 65 -7.74 1.47 -15.20
N GLY C 66 -8.32 1.88 -14.10
CA GLY C 66 -9.75 2.01 -14.03
C GLY C 66 -10.33 0.62 -13.84
N LYS C 67 -11.21 0.26 -14.76
CA LYS C 67 -11.90 -1.00 -14.70
C LYS C 67 -11.07 -2.13 -15.29
N VAL C 68 -10.06 -1.75 -16.09
CA VAL C 68 -9.19 -2.72 -16.76
C VAL C 68 -8.07 -3.25 -15.84
N VAL C 69 -8.32 -4.33 -15.12
CA VAL C 69 -7.31 -4.88 -14.23
C VAL C 69 -6.50 -6.03 -14.82
N PHE C 70 -5.17 -5.99 -14.65
CA PHE C 70 -4.29 -7.07 -15.12
C PHE C 70 -3.63 -7.70 -13.91
N LYS C 71 -3.41 -9.01 -13.93
CA LYS C 71 -2.78 -9.68 -12.80
C LYS C 71 -1.69 -10.65 -13.18
N ARG C 72 -0.83 -10.97 -12.22
CA ARG C 72 0.25 -11.91 -12.44
C ARG C 72 0.65 -12.59 -11.14
N TYR C 73 0.96 -13.88 -11.23
CA TYR C 73 1.46 -14.60 -10.08
C TYR C 73 2.83 -15.04 -10.60
N LEU C 74 3.89 -14.66 -9.90
CA LEU C 74 5.22 -15.02 -10.34
C LEU C 74 5.96 -15.83 -9.27
N ARG C 75 6.68 -16.86 -9.71
CA ARG C 75 7.44 -17.68 -8.78
C ARG C 75 8.62 -16.79 -8.39
N TYR C 76 8.99 -16.83 -7.12
CA TYR C 76 10.09 -16.03 -6.58
C TYR C 76 10.71 -16.83 -5.43
N ASP C 77 11.98 -17.21 -5.54
CA ASP C 77 12.58 -17.99 -4.46
C ASP C 77 13.43 -17.17 -3.50
N ARG C 78 13.27 -15.86 -3.52
CA ARG C 78 14.02 -15.01 -2.61
C ARG C 78 15.51 -14.86 -2.89
N THR C 79 16.00 -15.44 -3.96
CA THR C 79 17.42 -15.28 -4.28
C THR C 79 17.62 -13.98 -5.05
N GLU C 80 18.87 -13.53 -5.14
CA GLU C 80 19.19 -12.29 -5.85
C GLU C 80 18.83 -12.41 -7.32
N ALA C 81 19.23 -13.52 -7.93
CA ALA C 81 18.89 -13.74 -9.33
C ALA C 81 17.38 -13.63 -9.50
N SER C 82 16.63 -14.37 -8.66
CA SER C 82 15.19 -14.39 -8.73
C SER C 82 14.60 -13.02 -8.52
N LEU C 83 15.14 -12.27 -7.57
CA LEU C 83 14.65 -10.93 -7.32
C LEU C 83 14.76 -10.09 -8.60
N HIS C 84 15.95 -10.08 -9.20
CA HIS C 84 16.20 -9.32 -10.40
C HIS C 84 15.25 -9.69 -11.53
N ARG C 85 14.95 -10.97 -11.65
CA ARG C 85 14.06 -11.45 -12.70
C ARG C 85 12.63 -10.92 -12.55
N VAL C 86 12.03 -11.09 -11.38
CA VAL C 86 10.66 -10.64 -11.18
C VAL C 86 10.56 -9.10 -11.16
N LEU C 87 11.66 -8.41 -10.85
CA LEU C 87 11.60 -6.94 -10.84
C LEU C 87 11.40 -6.43 -12.26
N GLY C 88 11.61 -7.32 -13.24
CA GLY C 88 11.43 -6.92 -14.63
C GLY C 88 10.03 -7.25 -15.14
N SER C 89 9.19 -7.67 -14.20
CA SER C 89 7.80 -8.03 -14.45
C SER C 89 7.09 -6.88 -15.18
N TRP C 90 7.47 -5.64 -14.83
CA TRP C 90 6.90 -4.46 -15.46
C TRP C 90 7.85 -3.28 -15.28
N THR C 91 7.62 -2.21 -16.01
CA THR C 91 8.47 -1.04 -15.91
C THR C 91 7.59 0.20 -16.07
N GLY C 92 8.17 1.37 -15.83
CA GLY C 92 7.40 2.59 -15.98
C GLY C 92 6.94 2.68 -17.41
N ASP C 93 7.84 2.34 -18.33
CA ASP C 93 7.49 2.40 -19.73
C ASP C 93 6.39 1.41 -20.09
N SER C 94 6.58 0.14 -19.76
CA SER C 94 5.56 -0.85 -20.09
C SER C 94 4.22 -0.46 -19.51
N VAL C 95 4.22 0.12 -18.31
CA VAL C 95 2.98 0.51 -17.65
C VAL C 95 2.37 1.76 -18.26
N ASN C 96 3.21 2.73 -18.60
CA ASN C 96 2.72 3.97 -19.19
C ASN C 96 2.14 3.68 -20.58
N TYR C 97 2.87 2.90 -21.36
CA TYR C 97 2.39 2.56 -22.69
C TYR C 97 1.02 1.86 -22.65
N ALA C 98 0.86 0.89 -21.76
CA ALA C 98 -0.41 0.19 -21.63
C ALA C 98 -1.51 1.14 -21.14
N ALA C 99 -1.15 2.08 -20.29
CA ALA C 99 -2.14 3.01 -19.76
C ALA C 99 -2.72 3.91 -20.84
N SER C 100 -1.84 4.44 -21.70
CA SER C 100 -2.29 5.32 -22.77
C SER C 100 -3.38 4.64 -23.61
N ARG C 101 -3.28 3.33 -23.79
CA ARG C 101 -4.28 2.60 -24.57
C ARG C 101 -5.66 2.46 -23.93
N PHE C 102 -5.78 2.68 -22.63
CA PHE C 102 -7.11 2.56 -21.99
C PHE C 102 -7.49 3.84 -21.28
N LEU C 103 -6.62 4.84 -21.33
CA LEU C 103 -6.93 6.10 -20.67
C LEU C 103 -7.51 7.10 -21.66
N GLY C 104 -8.68 7.63 -21.32
CA GLY C 104 -9.30 8.62 -22.18
C GLY C 104 -8.69 9.98 -21.90
N ALA C 105 -9.45 11.03 -22.18
CA ALA C 105 -8.99 12.39 -21.93
C ALA C 105 -9.38 12.67 -20.47
N ASN C 106 -9.98 11.67 -19.84
CA ASN C 106 -10.39 11.77 -18.45
C ASN C 106 -9.45 11.07 -17.49
N GLN C 107 -9.65 11.35 -16.20
CA GLN C 107 -8.85 10.73 -15.18
C GLN C 107 -9.72 9.65 -14.57
N VAL C 108 -9.08 8.51 -14.31
CA VAL C 108 -9.75 7.37 -13.71
C VAL C 108 -8.86 6.80 -12.61
N GLY C 109 -9.42 5.98 -11.75
CA GLY C 109 -8.61 5.42 -10.68
C GLY C 109 -7.65 4.37 -11.18
N CYS C 110 -6.39 4.45 -10.78
CA CYS C 110 -5.38 3.48 -11.17
C CYS C 110 -4.87 2.81 -9.90
N THR C 111 -4.31 1.62 -10.05
CA THR C 111 -3.87 0.86 -8.88
C THR C 111 -2.82 -0.19 -9.16
N TYR C 112 -1.88 -0.32 -8.24
CA TYR C 112 -0.88 -1.37 -8.31
C TYR C 112 -0.96 -2.04 -6.97
N SER C 113 -1.01 -3.36 -6.95
CA SER C 113 -1.08 -4.03 -5.67
C SER C 113 -0.28 -5.32 -5.65
N ILE C 114 0.50 -5.54 -4.59
CA ILE C 114 1.31 -6.75 -4.50
C ILE C 114 1.16 -7.38 -3.12
N ARG C 115 1.17 -8.70 -3.07
CA ARG C 115 1.00 -9.41 -1.81
C ARG C 115 2.06 -10.50 -1.67
N PHE C 116 2.72 -10.57 -0.53
CA PHE C 116 3.77 -11.55 -0.31
C PHE C 116 3.96 -11.83 1.18
N ARG C 117 4.10 -13.10 1.54
CA ARG C 117 4.27 -13.49 2.95
C ARG C 117 3.22 -12.83 3.83
N GLY C 118 1.99 -12.75 3.34
CA GLY C 118 0.91 -12.14 4.10
C GLY C 118 0.66 -10.64 3.97
N VAL C 119 1.73 -9.85 3.97
CA VAL C 119 1.65 -8.40 3.86
C VAL C 119 1.19 -8.06 2.44
N SER C 120 0.32 -7.06 2.32
CA SER C 120 -0.19 -6.63 1.02
C SER C 120 -0.01 -5.14 0.85
N VAL C 121 0.62 -4.69 -0.22
CA VAL C 121 0.83 -3.26 -0.42
C VAL C 121 0.00 -2.77 -1.60
N THR C 122 -0.75 -1.69 -1.43
CA THR C 122 -1.53 -1.17 -2.55
C THR C 122 -1.25 0.30 -2.81
N ILE C 123 -0.86 0.63 -4.04
CA ILE C 123 -0.56 2.01 -4.41
C ILE C 123 -1.71 2.51 -5.28
N SER C 124 -2.26 3.68 -4.98
CA SER C 124 -3.37 4.14 -5.81
C SER C 124 -3.58 5.63 -5.89
N GLY C 125 -4.29 6.04 -6.94
CA GLY C 125 -4.60 7.44 -7.18
C GLY C 125 -5.13 7.65 -8.60
N GLY C 126 -5.46 8.90 -8.92
CA GLY C 126 -5.94 9.19 -10.26
C GLY C 126 -4.86 8.99 -11.30
N SER C 127 -5.27 8.78 -12.54
CA SER C 127 -4.34 8.55 -13.64
C SER C 127 -3.33 9.68 -13.87
N ARG C 128 -3.61 10.88 -13.37
CA ARG C 128 -2.69 12.00 -13.54
C ARG C 128 -1.37 11.78 -12.78
N THR C 129 -1.41 10.98 -11.73
CA THR C 129 -0.22 10.73 -10.91
C THR C 129 0.47 9.41 -11.23
N LEU C 130 0.10 8.79 -12.34
CA LEU C 130 0.69 7.51 -12.73
C LEU C 130 2.21 7.43 -12.64
N GLN C 131 2.92 8.52 -12.92
CA GLN C 131 4.36 8.42 -12.85
C GLN C 131 4.75 8.16 -11.42
N HIS C 132 4.13 8.88 -10.49
CA HIS C 132 4.42 8.72 -9.09
C HIS C 132 3.97 7.36 -8.59
N LEU C 133 2.85 6.88 -9.11
CA LEU C 133 2.37 5.58 -8.70
C LEU C 133 3.44 4.57 -9.06
N CYS C 134 4.08 4.77 -10.21
CA CYS C 134 5.12 3.84 -10.66
C CYS C 134 6.41 3.85 -9.85
N GLU C 135 6.78 5.01 -9.34
CA GLU C 135 8.00 5.08 -8.54
C GLU C 135 7.73 4.41 -7.22
N MET C 136 6.58 4.73 -6.62
CA MET C 136 6.21 4.15 -5.34
C MET C 136 6.04 2.64 -5.49
N ALA C 137 5.39 2.21 -6.56
CA ALA C 137 5.16 0.79 -6.77
C ALA C 137 6.45 0.02 -6.94
N ILE C 138 7.40 0.52 -7.71
CA ILE C 138 8.61 -0.24 -7.89
C ILE C 138 9.36 -0.34 -6.58
N ARG C 139 9.37 0.72 -5.79
CA ARG C 139 10.06 0.67 -4.51
C ARG C 139 9.35 -0.25 -3.52
N SER C 140 8.02 -0.12 -3.39
CA SER C 140 7.28 -1.00 -2.49
C SER C 140 7.57 -2.43 -2.90
N LYS C 141 7.51 -2.70 -4.19
CA LYS C 141 7.79 -4.05 -4.65
C LYS C 141 9.13 -4.58 -4.10
N GLN C 142 10.24 -3.86 -4.29
CA GLN C 142 11.50 -4.39 -3.80
C GLN C 142 11.60 -4.49 -2.29
N GLU C 143 11.02 -3.55 -1.57
CA GLU C 143 11.07 -3.63 -0.11
C GLU C 143 10.25 -4.82 0.36
N LEU C 144 9.03 -4.95 -0.14
CA LEU C 144 8.21 -6.07 0.27
C LEU C 144 8.90 -7.38 -0.01
N LEU C 145 9.59 -7.47 -1.15
CA LEU C 145 10.25 -8.73 -1.49
C LEU C 145 11.57 -8.96 -0.75
N GLN C 146 12.02 -7.96 0.01
CA GLN C 146 13.27 -8.11 0.73
C GLN C 146 13.15 -7.90 2.25
N LEU C 147 11.94 -8.01 2.79
CA LEU C 147 11.77 -7.86 4.23
C LEU C 147 12.50 -9.01 4.88
N THR C 148 13.31 -8.71 5.89
CA THR C 148 14.11 -9.72 6.60
C THR C 148 13.72 -11.13 6.19
N PRO C 149 14.67 -11.88 5.60
CA PRO C 149 14.42 -13.25 5.15
C PRO C 149 13.55 -14.05 6.11
N VAL C 150 12.68 -14.88 5.53
CA VAL C 150 11.76 -15.70 6.29
C VAL C 150 12.54 -16.62 7.25
N GLU C 151 13.65 -17.16 6.74
CA GLU C 151 14.52 -18.06 7.48
C GLU C 151 14.84 -17.56 8.89
N VAL C 152 15.36 -16.33 8.99
CA VAL C 152 15.72 -15.73 10.26
C VAL C 152 14.58 -14.87 10.80
CA ASN D 8 -19.56 -1.23 17.78
C ASN D 8 -19.25 0.10 18.47
N ASP D 9 -19.03 0.05 19.78
CA ASP D 9 -18.73 1.24 20.56
C ASP D 9 -17.24 1.58 20.50
N THR D 10 -16.40 0.59 20.81
CA THR D 10 -14.95 0.78 20.81
C THR D 10 -14.48 1.39 19.50
N ARG D 11 -15.24 1.15 18.44
CA ARG D 11 -14.90 1.68 17.12
C ARG D 11 -15.17 3.16 17.12
N GLU D 12 -16.22 3.55 17.83
CA GLU D 12 -16.61 4.95 17.90
C GLU D 12 -15.70 5.75 18.80
N GLN D 13 -15.13 5.10 19.81
CA GLN D 13 -14.22 5.78 20.72
C GLN D 13 -12.91 6.03 20.00
N ALA D 14 -12.58 5.12 19.09
CA ALA D 14 -11.35 5.21 18.31
C ALA D 14 -11.50 6.34 17.32
N ASN D 15 -12.66 6.43 16.69
CA ASN D 15 -12.88 7.52 15.77
C ASN D 15 -12.72 8.81 16.55
N GLY D 16 -13.44 8.93 17.66
CA GLY D 16 -13.36 10.14 18.48
C GLY D 16 -11.99 10.46 19.07
N GLU D 17 -11.14 9.45 19.25
CA GLU D 17 -9.82 9.64 19.83
C GLU D 17 -9.04 10.70 19.10
N ARG D 18 -9.27 10.78 17.79
CA ARG D 18 -8.60 11.76 16.98
C ARG D 18 -8.83 13.14 17.58
N TRP D 19 -10.03 13.33 18.13
CA TRP D 19 -10.43 14.61 18.71
C TRP D 19 -10.37 14.76 20.23
N ASP D 20 -9.77 13.79 20.92
CA ASP D 20 -9.64 13.84 22.38
C ASP D 20 -8.68 14.94 22.74
N GLY D 21 -8.02 15.49 21.73
CA GLY D 21 -7.07 16.56 21.94
C GLY D 21 -6.09 16.34 23.08
N GLY D 22 -6.57 16.52 24.31
CA GLY D 22 -5.71 16.35 25.46
C GLY D 22 -6.02 15.11 26.29
N SER D 23 -5.54 13.95 25.84
CA SER D 23 -5.76 12.70 26.54
C SER D 23 -7.23 12.35 26.65
N GLY D 24 -7.54 11.06 26.50
CA GLY D 24 -8.92 10.61 26.57
C GLY D 24 -9.07 9.27 27.26
N GLY D 25 -7.95 8.72 27.70
CA GLY D 25 -7.95 7.44 28.38
C GLY D 25 -7.90 6.26 27.42
N ILE D 26 -8.18 6.50 26.15
CA ILE D 26 -8.15 5.42 25.17
C ILE D 26 -6.78 5.17 24.56
N THR D 27 -6.43 3.90 24.47
CA THR D 27 -5.15 3.49 23.93
C THR D 27 -5.16 3.80 22.45
N SER D 28 -4.19 4.59 22.01
CA SER D 28 -4.11 4.97 20.61
C SER D 28 -2.76 4.55 20.02
N PRO D 29 -2.74 4.17 18.73
CA PRO D 29 -1.46 3.77 18.12
C PRO D 29 -0.59 4.98 17.86
N PHE D 30 -1.20 6.16 17.88
CA PHE D 30 -0.51 7.42 17.61
C PHE D 30 0.08 8.12 18.82
N LYS D 31 1.20 8.80 18.62
CA LYS D 31 1.89 9.49 19.69
C LYS D 31 1.91 10.99 19.52
N LEU D 32 1.34 11.48 18.42
CA LEU D 32 1.29 12.91 18.21
C LEU D 32 -0.17 13.28 18.04
N PRO D 33 -0.58 14.42 18.64
CA PRO D 33 -1.95 14.94 18.57
C PRO D 33 -2.32 15.31 17.13
N ASP D 34 -3.58 15.10 16.77
CA ASP D 34 -4.07 15.44 15.45
C ASP D 34 -3.77 16.90 15.21
N GLU D 35 -3.75 17.33 13.96
CA GLU D 35 -3.47 18.72 13.65
C GLU D 35 -4.30 19.21 12.48
N SER D 36 -5.46 18.59 12.30
CA SER D 36 -6.39 18.93 11.23
C SER D 36 -6.75 20.40 11.30
N PRO D 37 -6.81 21.09 10.17
CA PRO D 37 -7.15 22.52 10.20
C PRO D 37 -8.65 22.70 10.24
N SER D 38 -9.10 23.78 10.87
CA SER D 38 -10.52 24.06 10.89
C SER D 38 -10.91 24.30 9.42
N TRP D 39 -12.19 24.16 9.12
CA TRP D 39 -12.64 24.39 7.76
C TRP D 39 -12.23 25.80 7.35
N THR D 40 -12.20 26.72 8.33
CA THR D 40 -11.84 28.11 8.09
C THR D 40 -10.38 28.25 7.75
N GLU D 41 -9.51 27.56 8.49
CA GLU D 41 -8.09 27.65 8.22
C GLU D 41 -7.78 27.01 6.89
N TRP D 42 -8.57 25.99 6.53
CA TRP D 42 -8.37 25.28 5.28
C TRP D 42 -8.72 26.15 4.08
N ARG D 43 -9.90 26.75 4.09
CA ARG D 43 -10.30 27.62 2.99
C ARG D 43 -9.23 28.69 2.82
N LEU D 44 -8.79 29.25 3.95
CA LEU D 44 -7.79 30.30 3.96
C LEU D 44 -6.49 29.88 3.26
N TYR D 45 -6.00 28.70 3.62
CA TYR D 45 -4.76 28.21 3.04
C TYR D 45 -4.95 27.90 1.56
N ASN D 46 -6.13 27.42 1.19
CA ASN D 46 -6.38 27.12 -0.21
C ASN D 46 -6.67 28.38 -1.01
N ASP D 47 -6.00 29.44 -0.59
CA ASP D 47 -6.03 30.76 -1.20
C ASP D 47 -4.59 31.25 -1.06
N GLU D 48 -3.83 30.54 -0.23
CA GLU D 48 -2.42 30.84 0.03
C GLU D 48 -2.26 32.19 0.72
N ASN D 55 3.17 22.85 -1.33
CA ASN D 55 1.86 22.60 -1.92
C ASN D 55 0.80 22.29 -0.82
N PRO D 56 0.64 21.02 -0.38
CA PRO D 56 -0.40 20.86 0.65
C PRO D 56 0.03 21.13 2.08
N LEU D 57 -0.96 21.35 2.94
CA LEU D 57 -0.75 21.63 4.35
C LEU D 57 -0.07 20.47 5.07
N GLY D 58 -0.51 19.24 4.81
CA GLY D 58 0.06 18.09 5.46
C GLY D 58 -0.38 16.79 4.79
N PHE D 59 -0.58 15.74 5.56
CA PHE D 59 -1.00 14.46 5.02
C PHE D 59 -1.89 13.75 6.04
N LYS D 60 -2.57 12.70 5.59
CA LYS D 60 -3.45 11.96 6.46
C LYS D 60 -3.04 10.51 6.55
N GLU D 61 -2.99 9.95 7.76
CA GLU D 61 -2.61 8.55 7.91
C GLU D 61 -3.63 7.92 8.80
N SER D 62 -3.70 6.60 8.83
CA SER D 62 -4.67 5.96 9.70
C SER D 62 -4.26 4.52 9.96
N TRP D 63 -4.51 4.06 11.18
CA TRP D 63 -4.21 2.68 11.60
C TRP D 63 -5.51 2.04 12.01
N GLY D 64 -5.71 0.82 11.55
CA GLY D 64 -6.93 0.12 11.88
C GLY D 64 -6.57 -1.28 12.33
N PHE D 65 -7.28 -1.74 13.35
CA PHE D 65 -7.08 -3.09 13.89
C PHE D 65 -8.51 -3.56 13.90
N GLY D 66 -8.87 -4.35 12.90
CA GLY D 66 -10.25 -4.80 12.83
C GLY D 66 -10.97 -3.53 12.44
N LYS D 67 -12.09 -3.25 13.08
CA LYS D 67 -12.84 -2.05 12.77
C LYS D 67 -12.50 -0.90 13.70
N VAL D 68 -11.47 -1.09 14.53
CA VAL D 68 -11.06 -0.05 15.45
C VAL D 68 -9.99 0.79 14.74
N VAL D 69 -10.47 1.84 14.06
CA VAL D 69 -9.64 2.72 13.26
C VAL D 69 -9.29 4.05 13.89
N PHE D 70 -8.00 4.40 13.90
CA PHE D 70 -7.56 5.69 14.43
C PHE D 70 -7.02 6.52 13.25
N LYS D 71 -7.08 7.85 13.34
CA LYS D 71 -6.58 8.66 12.25
C LYS D 71 -5.87 9.94 12.71
N ARG D 72 -5.14 10.54 11.78
CA ARG D 72 -4.43 11.77 12.07
C ARG D 72 -4.17 12.50 10.76
N TYR D 73 -4.02 13.81 10.88
CA TYR D 73 -3.70 14.70 9.78
C TYR D 73 -2.59 15.50 10.43
N LEU D 74 -1.40 15.47 9.84
CA LEU D 74 -0.30 16.20 10.43
C LEU D 74 0.27 17.22 9.45
N ARG D 75 0.68 18.36 9.96
CA ARG D 75 1.22 19.39 9.10
C ARG D 75 2.57 18.89 8.60
N TYR D 76 2.85 19.07 7.31
CA TYR D 76 4.12 18.65 6.74
C TYR D 76 4.53 19.64 5.67
N ASP D 77 5.73 20.20 5.78
CA ASP D 77 6.17 21.20 4.81
C ASP D 77 7.28 20.72 3.88
N ARG D 78 7.80 19.52 4.13
CA ARG D 78 8.84 18.92 3.30
C ARG D 78 10.28 19.33 3.57
N THR D 79 10.62 19.53 4.85
CA THR D 79 11.99 19.88 5.23
C THR D 79 12.47 18.73 6.11
N GLU D 80 13.77 18.42 6.09
CA GLU D 80 14.29 17.32 6.90
C GLU D 80 13.75 17.39 8.34
N ALA D 81 13.73 18.58 8.91
CA ALA D 81 13.25 18.77 10.28
C ALA D 81 11.85 18.23 10.45
N SER D 82 10.95 18.70 9.58
CA SER D 82 9.56 18.30 9.60
C SER D 82 9.40 16.82 9.30
N LEU D 83 10.21 16.31 8.37
CA LEU D 83 10.12 14.91 8.02
C LEU D 83 10.43 14.04 9.23
N HIS D 84 11.44 14.41 9.99
CA HIS D 84 11.79 13.62 11.16
C HIS D 84 10.69 13.73 12.19
N ARG D 85 10.09 14.92 12.29
CA ARG D 85 9.03 15.13 13.25
C ARG D 85 7.83 14.21 12.95
N VAL D 86 7.18 14.40 11.80
CA VAL D 86 6.01 13.56 11.49
C VAL D 86 6.34 12.08 11.45
N LEU D 87 7.59 11.74 11.16
CA LEU D 87 7.96 10.33 11.15
C LEU D 87 7.85 9.66 12.53
N GLY D 88 7.66 10.49 13.56
CA GLY D 88 7.54 9.93 14.90
C GLY D 88 6.09 9.79 15.36
N SER D 89 5.14 10.22 14.55
CA SER D 89 3.74 10.14 14.93
C SER D 89 3.35 8.77 15.46
N TRP D 90 4.14 7.75 15.14
CA TRP D 90 3.89 6.39 15.62
C TRP D 90 5.13 5.53 15.52
N THR D 91 5.21 4.50 16.35
CA THR D 91 6.36 3.61 16.33
C THR D 91 5.90 2.16 16.41
N GLY D 92 6.85 1.25 16.25
CA GLY D 92 6.53 -0.16 16.33
C GLY D 92 5.88 -0.43 17.68
N ASP D 93 6.45 0.16 18.73
CA ASP D 93 5.93 -0.02 20.08
C ASP D 93 4.52 0.55 20.27
N SER D 94 4.35 1.83 19.96
CA SER D 94 3.06 2.47 20.12
C SER D 94 1.98 1.71 19.37
N VAL D 95 2.32 1.18 18.19
CA VAL D 95 1.35 0.45 17.39
C VAL D 95 0.99 -0.90 17.98
N ASN D 96 2.02 -1.69 18.31
CA ASN D 96 1.80 -3.01 18.89
C ASN D 96 1.04 -2.93 20.21
N TYR D 97 1.47 -2.05 21.11
CA TYR D 97 0.76 -1.93 22.36
C TYR D 97 -0.67 -1.58 22.07
N ALA D 98 -0.90 -0.44 21.42
CA ALA D 98 -2.25 -0.03 21.12
C ALA D 98 -3.05 -1.13 20.47
N ALA D 99 -2.37 -2.03 19.75
CA ALA D 99 -3.08 -3.12 19.08
C ALA D 99 -3.54 -4.20 20.05
N SER D 100 -2.68 -4.50 21.02
CA SER D 100 -2.98 -5.52 22.01
C SER D 100 -4.34 -5.30 22.66
N ARG D 101 -4.66 -4.05 22.97
CA ARG D 101 -5.94 -3.73 23.61
C ARG D 101 -7.13 -4.00 22.68
N PHE D 102 -6.89 -4.63 21.53
CA PHE D 102 -7.96 -4.94 20.57
C PHE D 102 -7.67 -6.28 19.90
N LEU D 103 -6.47 -6.80 20.13
CA LEU D 103 -6.03 -8.07 19.56
C LEU D 103 -7.22 -8.99 19.27
N GLY D 104 -7.99 -9.32 20.30
CA GLY D 104 -9.14 -10.19 20.11
C GLY D 104 -8.91 -11.69 20.16
N ALA D 105 -7.66 -12.11 20.38
CA ALA D 105 -7.33 -13.54 20.46
C ALA D 105 -7.58 -14.28 19.15
N ASN D 106 -8.36 -13.68 18.27
CA ASN D 106 -8.65 -14.25 16.97
C ASN D 106 -8.05 -13.28 15.95
N GLN D 107 -7.66 -13.77 14.78
CA GLN D 107 -7.06 -12.91 13.77
C GLN D 107 -8.05 -11.93 13.16
N VAL D 108 -7.60 -10.69 13.05
CA VAL D 108 -8.40 -9.62 12.49
C VAL D 108 -7.58 -8.88 11.44
N GLY D 109 -8.25 -8.24 10.49
CA GLY D 109 -7.54 -7.52 9.45
C GLY D 109 -7.01 -6.15 9.84
N CYS D 110 -5.70 -6.03 10.00
CA CYS D 110 -5.09 -4.75 10.35
C CYS D 110 -4.79 -3.94 9.09
N THR D 111 -4.48 -2.66 9.27
CA THR D 111 -4.25 -1.79 8.12
C THR D 111 -3.58 -0.48 8.45
N TYR D 112 -2.87 0.06 7.45
CA TYR D 112 -2.24 1.37 7.55
C TYR D 112 -2.39 2.03 6.17
N SER D 113 -2.83 3.28 6.16
CA SER D 113 -3.01 3.99 4.90
C SER D 113 -2.48 5.38 5.10
N ILE D 114 -1.91 5.96 4.05
CA ILE D 114 -1.40 7.32 4.15
C ILE D 114 -1.57 7.94 2.76
N ARG D 115 -1.91 9.22 2.71
CA ARG D 115 -2.11 9.88 1.44
C ARG D 115 -1.40 11.22 1.39
N PHE D 116 -0.62 11.44 0.34
CA PHE D 116 0.08 12.71 0.19
C PHE D 116 0.24 13.06 -1.28
N ARG D 117 -0.20 14.25 -1.68
CA ARG D 117 -0.08 14.69 -3.07
C ARG D 117 -0.73 13.74 -4.07
N GLY D 118 -1.97 13.36 -3.82
CA GLY D 118 -2.67 12.48 -4.75
C GLY D 118 -2.35 10.99 -4.73
N VAL D 119 -1.31 10.61 -3.99
CA VAL D 119 -0.95 9.20 -3.95
C VAL D 119 -1.24 8.57 -2.60
N SER D 120 -1.93 7.42 -2.62
CA SER D 120 -2.28 6.72 -1.41
C SER D 120 -1.62 5.35 -1.31
N VAL D 121 -1.13 5.02 -0.12
CA VAL D 121 -0.48 3.72 0.12
C VAL D 121 -1.21 3.03 1.25
N THR D 122 -1.64 1.79 1.03
CA THR D 122 -2.32 1.04 2.06
C THR D 122 -1.62 -0.29 2.30
N ILE D 123 -1.21 -0.54 3.53
CA ILE D 123 -0.53 -1.80 3.90
C ILE D 123 -1.58 -2.65 4.64
N SER D 124 -1.97 -3.78 4.07
CA SER D 124 -3.00 -4.65 4.66
C SER D 124 -2.47 -6.01 5.13
N GLY D 125 -2.83 -6.44 6.32
CA GLY D 125 -2.36 -7.72 6.82
C GLY D 125 -3.10 -8.28 8.02
N GLY D 126 -3.02 -9.58 8.22
CA GLY D 126 -3.67 -10.20 9.36
C GLY D 126 -2.82 -9.88 10.59
N SER D 127 -3.49 -9.70 11.72
CA SER D 127 -2.84 -9.38 12.98
C SER D 127 -1.53 -10.13 13.17
N ARG D 128 -1.48 -11.36 12.70
CA ARG D 128 -0.26 -12.15 12.87
C ARG D 128 0.94 -11.46 12.22
N THR D 129 0.71 -10.82 11.08
CA THR D 129 1.79 -10.15 10.34
C THR D 129 2.01 -8.71 10.75
N LEU D 130 1.35 -8.27 11.82
CA LEU D 130 1.47 -6.89 12.27
C LEU D 130 2.89 -6.35 12.37
N GLN D 131 3.85 -7.22 12.65
CA GLN D 131 5.21 -6.73 12.80
C GLN D 131 5.81 -6.32 11.46
N HIS D 132 5.42 -7.02 10.41
CA HIS D 132 5.93 -6.67 9.09
C HIS D 132 5.18 -5.45 8.58
N LEU D 133 3.88 -5.39 8.86
CA LEU D 133 3.07 -4.27 8.44
C LEU D 133 3.75 -2.99 8.90
N CYS D 134 4.23 -2.98 10.14
CA CYS D 134 4.90 -1.80 10.66
C CYS D 134 6.17 -1.48 9.89
N GLU D 135 6.87 -2.51 9.43
CA GLU D 135 8.08 -2.30 8.67
C GLU D 135 7.78 -1.70 7.31
N MET D 136 6.83 -2.32 6.61
CA MET D 136 6.47 -1.81 5.30
C MET D 136 5.88 -0.41 5.44
N ALA D 137 4.99 -0.24 6.40
CA ALA D 137 4.33 1.05 6.62
C ALA D 137 5.30 2.20 6.84
N ILE D 138 6.32 1.98 7.66
CA ILE D 138 7.24 3.08 7.91
C ILE D 138 8.05 3.42 6.67
N ARG D 139 8.43 2.41 5.91
CA ARG D 139 9.19 2.61 4.69
C ARG D 139 8.31 3.34 3.67
N SER D 140 7.07 2.90 3.52
CA SER D 140 6.15 3.55 2.60
C SER D 140 5.99 5.00 3.01
N LYS D 141 5.86 5.23 4.30
CA LYS D 141 5.71 6.59 4.80
C LYS D 141 6.92 7.45 4.42
N GLN D 142 8.12 7.01 4.77
CA GLN D 142 9.32 7.78 4.44
C GLN D 142 9.34 8.14 2.98
N GLU D 143 9.24 7.14 2.12
CA GLU D 143 9.29 7.32 0.67
C GLU D 143 8.22 8.26 0.13
N LEU D 144 6.97 7.96 0.42
CA LEU D 144 5.86 8.77 -0.05
C LEU D 144 6.02 10.24 0.27
N LEU D 145 6.51 10.55 1.46
CA LEU D 145 6.68 11.94 1.87
C LEU D 145 7.86 12.58 1.21
N GLN D 146 8.64 11.79 0.50
CA GLN D 146 9.81 12.34 -0.16
C GLN D 146 9.67 12.39 -1.67
N LEU D 147 8.45 12.23 -2.17
CA LEU D 147 8.21 12.33 -3.61
C LEU D 147 8.27 13.82 -3.96
N THR D 148 8.89 14.14 -5.07
CA THR D 148 9.00 15.53 -5.50
C THR D 148 8.58 15.63 -6.96
N PRO D 149 7.73 16.61 -7.30
CA PRO D 149 7.25 16.82 -8.67
C PRO D 149 8.39 16.89 -9.70
#